data_6EPA
#
_entry.id   6EPA
#
_cell.length_a   54.843
_cell.length_b   55.456
_cell.length_c   61.259
_cell.angle_alpha   90.00
_cell.angle_beta   90.00
_cell.angle_gamma   90.00
#
_symmetry.space_group_name_H-M   'P 21 21 21'
#
loop_
_entity.id
_entity.type
_entity.pdbx_description
1 polymer FI18190p1
2 non-polymer 'CALCIUM ION'
3 non-polymer ~{N}-(1,3-benzothiazol-2-yl)-3,3-diphenyl-propanamide
4 non-polymer 2-(2-METHOXYETHOXY)ETHANOL
5 non-polymer 'SODIUM ION'
6 water water
#
_entity_poly.entity_id   1
_entity_poly.type   'polypeptide(L)'
_entity_poly.pdbx_seq_one_letter_code
;MGKKNSKLKQDTIDRLTTDTYFTEKEIRQWHKGFLKDCPNGLLTEQGFIKIYKQFFPDGDPSKFASLVFRVFDENNDGAI
EFEEFIRALSITSRGNLDEKLHWAFRLYDVDNDGYITREEMYNIVDAIYQMVGQQPQTEDENTPQKRVDKIFDQMDKNHD
DRLTLEEFREGSKADPRMVQALSLGGD
;
_entity_poly.pdbx_strand_id   A
#
loop_
_chem_comp.id
_chem_comp.type
_chem_comp.name
_chem_comp.formula
BNQ non-polymer ~{N}-(1,3-benzothiazol-2-yl)-3,3-diphenyl-propanamide 'C22 H18 N2 O S'
CA non-polymer 'CALCIUM ION' 'Ca 2'
NA non-polymer 'SODIUM ION' 'Na 1'
PG0 non-polymer 2-(2-METHOXYETHOXY)ETHANOL 'C5 H12 O3'
#
# COMPACT_ATOMS: atom_id res chain seq x y z
N LYS A 3 1.57 27.00 10.86
CA LYS A 3 1.46 25.82 11.69
C LYS A 3 2.72 24.96 11.56
N LYS A 4 3.00 24.14 12.57
CA LYS A 4 4.09 23.18 12.48
C LYS A 4 3.97 22.34 11.21
N ASN A 5 2.83 21.67 11.05
CA ASN A 5 2.65 20.69 9.99
C ASN A 5 2.71 21.31 8.61
N SER A 6 2.43 22.60 8.47
CA SER A 6 2.36 23.19 7.15
C SER A 6 3.73 23.56 6.59
N LYS A 7 4.70 23.90 7.44
CA LYS A 7 6.02 24.29 6.95
C LYS A 7 6.94 23.10 6.87
N LEU A 8 7.84 23.14 5.89
CA LEU A 8 8.81 22.07 5.65
C LEU A 8 10.12 22.43 6.35
N LYS A 9 10.46 21.68 7.39
CA LYS A 9 11.63 21.97 8.20
C LYS A 9 12.86 21.26 7.63
N GLN A 10 14.02 21.91 7.80
CA GLN A 10 15.25 21.34 7.27
C GLN A 10 15.53 19.97 7.87
N ASP A 11 15.17 19.76 9.14
CA ASP A 11 15.37 18.47 9.78
CA ASP A 11 15.40 18.47 9.76
C ASP A 11 14.64 17.37 9.03
N THR A 12 13.42 17.67 8.57
CA THR A 12 12.65 16.69 7.80
C THR A 12 13.33 16.39 6.48
N ILE A 13 13.86 17.42 5.81
CA ILE A 13 14.51 17.21 4.52
C ILE A 13 15.76 16.37 4.69
N ASP A 14 16.54 16.61 5.75
CA ASP A 14 17.74 15.83 5.99
C ASP A 14 17.41 14.35 6.09
N ARG A 15 16.42 14.00 6.91
CA ARG A 15 16.05 12.59 7.06
C ARG A 15 15.53 12.01 5.75
N LEU A 16 14.75 12.79 4.99
CA LEU A 16 14.18 12.28 3.75
C LEU A 16 15.26 12.06 2.69
N THR A 17 16.24 12.96 2.58
CA THR A 17 17.31 12.73 1.61
C THR A 17 18.22 11.60 2.04
N THR A 18 18.30 11.32 3.34
CA THR A 18 19.08 10.17 3.80
C THR A 18 18.38 8.86 3.45
N ASP A 19 17.04 8.82 3.56
CA ASP A 19 16.31 7.55 3.50
C ASP A 19 15.64 7.27 2.17
N THR A 20 15.38 8.27 1.34
CA THR A 20 14.57 8.09 0.14
C THR A 20 15.40 8.27 -1.12
N TYR A 21 14.75 8.05 -2.26
CA TYR A 21 15.35 8.20 -3.57
C TYR A 21 15.13 9.59 -4.16
N PHE A 22 14.69 10.56 -3.35
CA PHE A 22 14.39 11.91 -3.82
C PHE A 22 15.48 12.88 -3.40
N THR A 23 15.80 13.82 -4.29
CA THR A 23 16.69 14.93 -3.97
C THR A 23 15.95 15.98 -3.15
N GLU A 24 16.72 16.86 -2.50
CA GLU A 24 16.13 18.00 -1.82
C GLU A 24 15.24 18.79 -2.77
N LYS A 25 15.72 19.05 -3.98
CA LYS A 25 14.94 19.81 -4.95
C LYS A 25 13.59 19.14 -5.23
N GLU A 26 13.59 17.82 -5.39
CA GLU A 26 12.34 17.11 -5.65
C GLU A 26 11.41 17.15 -4.44
N ILE A 27 11.98 17.02 -3.24
CA ILE A 27 11.18 17.03 -2.02
C ILE A 27 10.49 18.38 -1.85
N ARG A 28 11.21 19.46 -2.10
CA ARG A 28 10.60 20.79 -1.98
C ARG A 28 9.50 20.99 -3.02
N GLN A 29 9.72 20.49 -4.24
CA GLN A 29 8.66 20.52 -5.24
C GLN A 29 7.43 19.76 -4.77
N TRP A 30 7.63 18.54 -4.26
CA TRP A 30 6.50 17.73 -3.84
C TRP A 30 5.76 18.37 -2.67
N HIS A 31 6.46 19.12 -1.83
CA HIS A 31 5.79 19.75 -0.70
C HIS A 31 4.84 20.84 -1.15
N LYS A 32 5.24 21.62 -2.18
CA LYS A 32 4.32 22.59 -2.76
C LYS A 32 3.03 21.91 -3.20
N GLY A 33 3.16 20.78 -3.91
CA GLY A 33 1.98 20.07 -4.35
C GLY A 33 1.19 19.46 -3.20
N PHE A 34 1.89 18.96 -2.18
CA PHE A 34 1.21 18.38 -1.02
C PHE A 34 0.35 19.42 -0.32
N LEU A 35 0.84 20.66 -0.21
CA LEU A 35 0.08 21.70 0.48
C LEU A 35 -1.08 22.24 -0.36
N LYS A 36 -0.94 22.25 -1.69
CA LYS A 36 -2.07 22.68 -2.51
C LYS A 36 -3.27 21.78 -2.30
N ASP A 37 -3.06 20.47 -2.22
CA ASP A 37 -4.14 19.53 -1.96
C ASP A 37 -4.45 19.42 -0.48
N CYS A 38 -3.53 19.80 0.41
CA CYS A 38 -3.67 19.57 1.85
CA CYS A 38 -3.68 19.57 1.84
C CYS A 38 -3.07 20.76 2.59
N PRO A 39 -3.77 21.90 2.60
CA PRO A 39 -3.21 23.10 3.24
C PRO A 39 -2.77 22.89 4.68
N ASN A 40 -3.42 21.98 5.41
CA ASN A 40 -3.07 21.71 6.80
C ASN A 40 -1.75 20.95 6.94
N GLY A 41 -1.23 20.36 5.87
CA GLY A 41 -0.10 19.48 5.99
C GLY A 41 -0.42 18.12 6.56
N LEU A 42 -1.69 17.80 6.77
CA LEU A 42 -2.10 16.49 7.29
C LEU A 42 -3.27 15.97 6.45
N LEU A 43 -3.06 14.79 5.85
CA LEU A 43 -4.08 14.15 5.02
C LEU A 43 -4.83 13.15 5.89
N THR A 44 -6.14 13.33 6.00
CA THR A 44 -6.99 12.44 6.79
C THR A 44 -7.35 11.21 5.97
N GLU A 45 -7.86 10.18 6.65
CA GLU A 45 -8.28 8.97 5.94
C GLU A 45 -9.37 9.29 4.92
N GLN A 46 -10.38 10.07 5.30
CA GLN A 46 -11.45 10.37 4.36
C GLN A 46 -10.94 11.21 3.20
N GLY A 47 -10.02 12.14 3.47
CA GLY A 47 -9.38 12.88 2.39
C GLY A 47 -8.60 11.95 1.47
N PHE A 48 -7.98 10.91 2.04
CA PHE A 48 -7.30 9.90 1.24
C PHE A 48 -8.29 9.12 0.39
N ILE A 49 -9.43 8.76 0.95
CA ILE A 49 -10.47 8.08 0.18
C ILE A 49 -10.98 8.97 -0.94
N LYS A 50 -11.14 10.27 -0.67
CA LYS A 50 -11.66 11.17 -1.68
C LYS A 50 -10.76 11.22 -2.91
N ILE A 51 -9.44 11.22 -2.68
CA ILE A 51 -8.50 11.21 -3.80
C ILE A 51 -8.68 9.94 -4.63
N TYR A 52 -8.85 8.80 -3.95
CA TYR A 52 -9.07 7.55 -4.68
C TYR A 52 -10.38 7.56 -5.45
N LYS A 53 -11.38 8.34 -4.99
CA LYS A 53 -12.62 8.44 -5.75
C LYS A 53 -12.45 9.32 -6.98
N GLN A 54 -11.53 10.29 -6.95
CA GLN A 54 -11.20 11.06 -8.14
C GLN A 54 -10.68 10.18 -9.28
N PHE A 55 -10.13 9.00 -8.95
CA PHE A 55 -9.42 8.18 -9.92
C PHE A 55 -10.15 6.91 -10.31
N PHE A 56 -11.20 6.53 -9.58
CA PHE A 56 -11.99 5.35 -9.90
C PHE A 56 -13.47 5.68 -9.70
N PRO A 57 -13.99 6.64 -10.45
CA PRO A 57 -15.36 7.12 -10.17
C PRO A 57 -16.43 6.04 -10.32
N ASP A 58 -16.13 4.95 -11.03
CA ASP A 58 -17.14 3.92 -11.25
C ASP A 58 -17.40 3.10 -9.99
N GLY A 59 -16.36 2.48 -9.44
CA GLY A 59 -16.51 1.61 -8.29
C GLY A 59 -16.42 2.37 -6.98
N ASP A 60 -16.15 1.62 -5.91
CA ASP A 60 -16.00 2.17 -4.56
C ASP A 60 -14.59 1.90 -4.05
N PRO A 61 -13.68 2.87 -4.10
CA PRO A 61 -12.32 2.65 -3.62
C PRO A 61 -12.15 2.75 -2.11
N SER A 62 -13.24 2.90 -1.35
CA SER A 62 -13.12 3.21 0.07
C SER A 62 -12.37 2.12 0.82
N LYS A 63 -12.70 0.86 0.54
CA LYS A 63 -12.09 -0.23 1.30
C LYS A 63 -10.60 -0.35 0.99
N PHE A 64 -10.22 -0.25 -0.28
CA PHE A 64 -8.81 -0.35 -0.64
C PHE A 64 -8.03 0.85 -0.11
N ALA A 65 -8.57 2.06 -0.28
CA ALA A 65 -7.88 3.26 0.18
C ALA A 65 -7.62 3.21 1.68
N SER A 66 -8.56 2.65 2.45
CA SER A 66 -8.38 2.59 3.89
CA SER A 66 -8.38 2.59 3.89
C SER A 66 -7.25 1.65 4.26
N LEU A 67 -7.09 0.54 3.52
CA LEU A 67 -5.98 -0.37 3.75
C LEU A 67 -4.65 0.30 3.45
N VAL A 68 -4.56 0.96 2.29
CA VAL A 68 -3.34 1.67 1.92
C VAL A 68 -3.01 2.76 2.92
N PHE A 69 -4.04 3.48 3.39
CA PHE A 69 -3.82 4.55 4.34
C PHE A 69 -3.07 4.05 5.58
N ARG A 70 -3.47 2.89 6.09
CA ARG A 70 -2.82 2.34 7.28
C ARG A 70 -1.34 2.09 7.05
N VAL A 71 -0.94 1.74 5.83
CA VAL A 71 0.47 1.51 5.54
C VAL A 71 1.22 2.84 5.43
N PHE A 72 0.63 3.82 4.75
CA PHE A 72 1.21 5.17 4.69
C PHE A 72 1.42 5.72 6.10
N ASP A 73 0.41 5.60 6.96
CA ASP A 73 0.42 6.20 8.29
C ASP A 73 1.29 5.35 9.22
N GLU A 74 2.60 5.42 8.98
CA GLU A 74 3.51 4.46 9.58
C GLU A 74 3.59 4.62 11.10
N ASN A 75 3.35 5.82 11.62
CA ASN A 75 3.35 6.01 13.07
C ASN A 75 1.96 5.80 13.68
N ASN A 76 0.93 5.58 12.87
CA ASN A 76 -0.37 5.18 13.36
C ASN A 76 -1.04 6.28 14.20
N ASP A 77 -0.77 7.55 13.89
CA ASP A 77 -1.42 8.65 14.59
C ASP A 77 -2.69 9.12 13.89
N GLY A 78 -3.13 8.43 12.85
CA GLY A 78 -4.38 8.75 12.19
C GLY A 78 -4.29 9.78 11.07
N ALA A 79 -3.10 10.29 10.78
CA ALA A 79 -2.92 11.20 9.65
C ALA A 79 -1.66 10.83 8.89
N ILE A 80 -1.66 11.18 7.61
CA ILE A 80 -0.48 11.09 6.76
C ILE A 80 0.15 12.48 6.72
N GLU A 81 1.31 12.62 7.34
CA GLU A 81 2.08 13.84 7.22
C GLU A 81 2.97 13.75 5.99
N PHE A 82 3.56 14.89 5.63
CA PHE A 82 4.33 14.95 4.39
C PHE A 82 5.46 13.92 4.38
N GLU A 83 6.15 13.77 5.52
CA GLU A 83 7.28 12.84 5.57
C GLU A 83 6.83 11.41 5.30
N GLU A 84 5.67 11.01 5.83
CA GLU A 84 5.14 9.68 5.56
C GLU A 84 4.70 9.54 4.11
N PHE A 85 4.13 10.61 3.56
CA PHE A 85 3.76 10.61 2.15
C PHE A 85 4.97 10.34 1.26
N ILE A 86 6.07 11.07 1.50
CA ILE A 86 7.25 10.94 0.65
C ILE A 86 7.87 9.55 0.82
N ARG A 87 7.94 9.04 2.05
CA ARG A 87 8.57 7.75 2.27
C ARG A 87 7.84 6.64 1.53
N ALA A 88 6.51 6.68 1.54
CA ALA A 88 5.74 5.68 0.81
C ALA A 88 5.91 5.86 -0.70
N LEU A 89 5.86 7.11 -1.18
CA LEU A 89 6.03 7.34 -2.61
C LEU A 89 7.40 6.88 -3.09
N SER A 90 8.43 7.11 -2.28
CA SER A 90 9.78 6.69 -2.66
C SER A 90 9.83 5.18 -2.87
N ILE A 91 9.27 4.42 -1.93
CA ILE A 91 9.29 2.96 -2.04
C ILE A 91 8.48 2.50 -3.24
N THR A 92 7.26 3.00 -3.39
CA THR A 92 6.36 2.44 -4.40
C THR A 92 6.72 2.90 -5.81
N SER A 93 7.30 4.09 -5.98
CA SER A 93 7.64 4.57 -7.31
C SER A 93 9.10 4.36 -7.68
N ARG A 94 10.02 4.28 -6.71
CA ARG A 94 11.43 4.19 -7.02
C ARG A 94 12.15 3.06 -6.28
N GLY A 95 11.46 2.31 -5.43
CA GLY A 95 12.11 1.25 -4.69
C GLY A 95 12.52 0.09 -5.58
N ASN A 96 13.44 -0.72 -5.07
CA ASN A 96 13.81 -1.94 -5.76
C ASN A 96 12.78 -3.03 -5.46
N LEU A 97 12.94 -4.18 -6.08
CA LEU A 97 11.92 -5.21 -5.98
C LEU A 97 11.71 -5.66 -4.54
N ASP A 98 12.81 -5.85 -3.80
CA ASP A 98 12.68 -6.31 -2.41
C ASP A 98 11.97 -5.26 -1.55
N GLU A 99 12.27 -3.98 -1.79
CA GLU A 99 11.61 -2.91 -1.04
C GLU A 99 10.11 -2.87 -1.34
N LYS A 100 9.74 -2.99 -2.61
CA LYS A 100 8.33 -2.98 -2.98
C LYS A 100 7.59 -4.21 -2.45
N LEU A 101 8.25 -5.37 -2.44
CA LEU A 101 7.60 -6.58 -1.97
C LEU A 101 7.37 -6.53 -0.46
N HIS A 102 8.29 -5.93 0.29
N HIS A 102 8.29 -5.92 0.28
CA HIS A 102 8.05 -5.75 1.71
CA HIS A 102 8.07 -5.73 1.71
C HIS A 102 6.89 -4.78 1.95
C HIS A 102 6.92 -4.77 1.97
N TRP A 103 6.80 -3.72 1.14
CA TRP A 103 5.68 -2.79 1.28
C TRP A 103 4.36 -3.51 1.01
N ALA A 104 4.33 -4.31 -0.07
CA ALA A 104 3.15 -5.12 -0.37
C ALA A 104 2.80 -6.05 0.79
N PHE A 105 3.82 -6.64 1.42
CA PHE A 105 3.57 -7.51 2.56
C PHE A 105 2.86 -6.76 3.68
N ARG A 106 3.31 -5.54 3.96
CA ARG A 106 2.68 -4.75 5.01
C ARG A 106 1.22 -4.47 4.69
N LEU A 107 0.90 -4.30 3.40
CA LEU A 107 -0.49 -4.08 3.00
C LEU A 107 -1.32 -5.34 3.22
N TYR A 108 -0.81 -6.50 2.80
CA TYR A 108 -1.57 -7.75 2.93
C TYR A 108 -1.68 -8.18 4.39
N ASP A 109 -0.68 -7.88 5.23
CA ASP A 109 -0.69 -8.26 6.64
C ASP A 109 -1.52 -7.24 7.44
N VAL A 110 -2.85 -7.34 7.27
CA VAL A 110 -3.73 -6.29 7.75
C VAL A 110 -3.59 -6.08 9.25
N ASP A 111 -3.47 -7.17 10.02
CA ASP A 111 -3.38 -7.05 11.47
C ASP A 111 -1.94 -6.94 11.98
N ASN A 112 -0.96 -6.83 11.07
CA ASN A 112 0.43 -6.53 11.45
CA ASN A 112 0.42 -6.52 11.45
C ASN A 112 0.99 -7.54 12.44
N ASP A 113 0.70 -8.83 12.23
CA ASP A 113 1.21 -9.86 13.12
C ASP A 113 2.40 -10.62 12.53
N GLY A 114 2.90 -10.20 11.37
CA GLY A 114 4.04 -10.86 10.75
C GLY A 114 3.69 -11.96 9.78
N TYR A 115 2.40 -12.21 9.55
CA TYR A 115 1.95 -13.27 8.66
C TYR A 115 0.78 -12.77 7.81
N ILE A 116 0.70 -13.27 6.58
CA ILE A 116 -0.49 -13.12 5.74
C ILE A 116 -1.29 -14.39 5.82
N THR A 117 -2.57 -14.27 6.15
CA THR A 117 -3.50 -15.39 6.10
C THR A 117 -4.28 -15.38 4.79
N ARG A 118 -4.94 -16.51 4.51
CA ARG A 118 -5.86 -16.56 3.37
C ARG A 118 -6.87 -15.44 3.45
N GLU A 119 -7.47 -15.27 4.62
CA GLU A 119 -8.53 -14.28 4.79
C GLU A 119 -8.02 -12.87 4.59
N GLU A 120 -6.77 -12.61 4.99
CA GLU A 120 -6.18 -11.30 4.72
C GLU A 120 -5.96 -11.11 3.22
N MET A 121 -5.53 -12.16 2.52
CA MET A 121 -5.37 -12.06 1.07
C MET A 121 -6.72 -11.82 0.39
N TYR A 122 -7.76 -12.55 0.81
CA TYR A 122 -9.09 -12.28 0.28
C TYR A 122 -9.48 -10.83 0.47
N ASN A 123 -9.18 -10.29 1.66
CA ASN A 123 -9.63 -8.94 2.01
C ASN A 123 -9.07 -7.91 1.05
N ILE A 124 -7.78 -8.01 0.71
CA ILE A 124 -7.19 -7.07 -0.23
C ILE A 124 -7.78 -7.28 -1.62
N VAL A 125 -7.93 -8.54 -2.05
CA VAL A 125 -8.43 -8.81 -3.39
C VAL A 125 -9.86 -8.28 -3.53
N ASP A 126 -10.70 -8.54 -2.53
CA ASP A 126 -12.05 -7.99 -2.56
C ASP A 126 -12.03 -6.47 -2.62
N ALA A 127 -11.16 -5.84 -1.83
CA ALA A 127 -11.05 -4.39 -1.86
C ALA A 127 -10.75 -3.88 -3.27
N ILE A 128 -9.86 -4.57 -3.99
CA ILE A 128 -9.50 -4.14 -5.33
C ILE A 128 -10.70 -4.24 -6.27
N TYR A 129 -11.42 -5.36 -6.22
CA TYR A 129 -12.57 -5.52 -7.10
C TYR A 129 -13.63 -4.46 -6.84
N GLN A 130 -13.85 -4.09 -5.58
CA GLN A 130 -14.77 -3.01 -5.28
C GLN A 130 -14.33 -1.72 -5.96
N MET A 131 -13.03 -1.45 -5.95
CA MET A 131 -12.51 -0.21 -6.52
C MET A 131 -12.57 -0.23 -8.04
N VAL A 132 -12.34 -1.39 -8.63
CA VAL A 132 -12.04 -1.50 -10.06
C VAL A 132 -13.23 -2.02 -10.87
N GLY A 133 -14.20 -2.66 -10.24
CA GLY A 133 -15.34 -3.22 -10.96
C GLY A 133 -15.52 -4.69 -10.69
N GLN A 134 -16.45 -5.03 -9.80
CA GLN A 134 -16.73 -6.42 -9.49
C GLN A 134 -17.19 -7.15 -10.75
N GLN A 135 -16.97 -8.45 -10.78
CA GLN A 135 -17.32 -9.25 -11.94
C GLN A 135 -18.03 -10.53 -11.50
N PRO A 136 -19.10 -10.91 -12.18
CA PRO A 136 -19.83 -12.12 -11.79
C PRO A 136 -19.09 -13.38 -12.19
N GLN A 137 -19.24 -14.41 -11.36
CA GLN A 137 -18.64 -15.72 -11.60
C GLN A 137 -19.72 -16.78 -11.54
N THR A 138 -19.91 -17.50 -12.65
CA THR A 138 -20.90 -18.57 -12.73
C THR A 138 -20.30 -19.94 -12.47
N GLU A 139 -19.03 -20.02 -12.13
CA GLU A 139 -18.36 -21.28 -11.77
C GLU A 139 -17.88 -21.15 -10.33
N ASP A 140 -18.50 -21.90 -9.42
CA ASP A 140 -18.10 -21.88 -8.02
C ASP A 140 -16.69 -22.41 -7.80
N GLU A 141 -16.07 -23.00 -8.82
CA GLU A 141 -14.71 -23.52 -8.71
C GLU A 141 -13.68 -22.59 -9.37
N ASN A 142 -14.10 -21.41 -9.85
CA ASN A 142 -13.21 -20.49 -10.54
C ASN A 142 -13.41 -19.07 -10.01
N THR A 143 -13.77 -18.93 -8.73
CA THR A 143 -13.93 -17.65 -8.09
C THR A 143 -12.56 -17.02 -7.79
N PRO A 144 -12.53 -15.72 -7.50
CA PRO A 144 -11.25 -15.12 -7.03
C PRO A 144 -10.73 -15.81 -5.78
N GLN A 145 -11.64 -16.09 -4.85
CA GLN A 145 -11.29 -16.75 -3.60
C GLN A 145 -10.60 -18.09 -3.86
N LYS A 146 -11.05 -18.83 -4.89
CA LYS A 146 -10.46 -20.13 -5.18
C LYS A 146 -9.12 -19.97 -5.91
N ARG A 147 -9.06 -19.06 -6.89
CA ARG A 147 -7.80 -18.82 -7.58
C ARG A 147 -6.76 -18.29 -6.60
N VAL A 148 -7.18 -17.42 -5.68
CA VAL A 148 -6.27 -16.93 -4.64
C VAL A 148 -5.80 -18.08 -3.76
N ASP A 149 -6.71 -19.00 -3.42
CA ASP A 149 -6.31 -20.17 -2.64
C ASP A 149 -5.16 -20.90 -3.29
N LYS A 150 -5.20 -21.07 -4.61
CA LYS A 150 -4.14 -21.81 -5.30
C LYS A 150 -2.83 -21.05 -5.23
N ILE A 151 -2.85 -19.75 -5.49
CA ILE A 151 -1.66 -18.93 -5.36
C ILE A 151 -1.12 -19.01 -3.94
N PHE A 152 -2.01 -18.87 -2.96
CA PHE A 152 -1.60 -18.94 -1.56
C PHE A 152 -0.94 -20.28 -1.24
N ASP A 153 -1.59 -21.38 -1.62
CA ASP A 153 -1.05 -22.70 -1.34
C ASP A 153 0.34 -22.87 -1.92
N GLN A 154 0.56 -22.34 -3.14
CA GLN A 154 1.87 -22.49 -3.77
C GLN A 154 2.94 -21.72 -2.99
N MET A 155 2.59 -20.61 -2.35
CA MET A 155 3.56 -19.82 -1.61
C MET A 155 3.78 -20.36 -0.19
N ASP A 156 2.79 -21.04 0.37
CA ASP A 156 2.85 -21.50 1.77
C ASP A 156 3.66 -22.80 1.81
N LYS A 157 4.97 -22.65 1.77
CA LYS A 157 5.86 -23.79 1.59
C LYS A 157 5.76 -24.80 2.73
N ASN A 158 5.51 -24.36 3.95
CA ASN A 158 5.38 -25.26 5.10
C ASN A 158 3.93 -25.50 5.48
N HIS A 159 2.98 -25.11 4.64
CA HIS A 159 1.57 -25.48 4.77
C HIS A 159 1.05 -25.29 6.20
N ASP A 160 1.37 -24.13 6.78
CA ASP A 160 0.79 -23.75 8.07
C ASP A 160 -0.34 -22.73 7.92
N ASP A 161 -0.81 -22.50 6.68
CA ASP A 161 -1.94 -21.62 6.41
C ASP A 161 -1.60 -20.15 6.68
N ARG A 162 -0.34 -19.77 6.49
CA ARG A 162 0.04 -18.37 6.62
C ARG A 162 1.39 -18.17 5.96
N LEU A 163 1.62 -16.96 5.48
CA LEU A 163 2.82 -16.61 4.73
C LEU A 163 3.70 -15.71 5.57
N THR A 164 4.97 -16.11 5.73
CA THR A 164 5.97 -15.19 6.25
C THR A 164 6.35 -14.20 5.16
N LEU A 165 7.09 -13.16 5.54
CA LEU A 165 7.63 -12.23 4.55
C LEU A 165 8.50 -12.98 3.53
N GLU A 166 9.31 -13.94 3.99
CA GLU A 166 10.16 -14.68 3.07
C GLU A 166 9.33 -15.54 2.12
N GLU A 167 8.33 -16.25 2.63
CA GLU A 167 7.45 -17.03 1.75
C GLU A 167 6.80 -16.13 0.72
N PHE A 168 6.32 -14.95 1.15
CA PHE A 168 5.61 -14.07 0.23
C PHE A 168 6.56 -13.48 -0.81
N ARG A 169 7.78 -13.12 -0.41
CA ARG A 169 8.69 -12.47 -1.34
CA ARG A 169 8.69 -12.47 -1.34
C ARG A 169 9.25 -13.46 -2.36
N GLU A 170 9.67 -14.64 -1.91
CA GLU A 170 10.13 -15.65 -2.85
C GLU A 170 8.97 -16.27 -3.61
N GLY A 171 7.79 -16.32 -2.99
CA GLY A 171 6.61 -16.73 -3.72
C GLY A 171 6.22 -15.75 -4.80
N SER A 172 6.42 -14.46 -4.56
CA SER A 172 6.04 -13.43 -5.52
C SER A 172 7.03 -13.28 -6.66
N LYS A 173 8.29 -13.70 -6.48
CA LYS A 173 9.26 -13.63 -7.55
C LYS A 173 9.09 -14.74 -8.57
N ALA A 174 8.34 -15.80 -8.21
CA ALA A 174 7.96 -16.83 -9.16
C ALA A 174 6.53 -16.66 -9.66
N ASP A 175 5.67 -15.99 -8.89
CA ASP A 175 4.30 -15.70 -9.31
C ASP A 175 4.00 -14.27 -8.85
N PRO A 176 4.26 -13.28 -9.70
CA PRO A 176 4.12 -11.88 -9.25
C PRO A 176 2.71 -11.34 -9.28
N ARG A 177 1.70 -12.21 -9.36
CA ARG A 177 0.34 -11.73 -9.61
C ARG A 177 -0.25 -10.98 -8.42
N MET A 178 0.14 -11.32 -7.18
CA MET A 178 -0.42 -10.63 -6.03
C MET A 178 0.19 -9.25 -5.82
N VAL A 179 1.34 -8.97 -6.42
CA VAL A 179 1.95 -7.65 -6.35
C VAL A 179 1.74 -6.82 -7.60
N GLN A 180 1.61 -7.45 -8.77
CA GLN A 180 1.17 -6.74 -9.97
C GLN A 180 -0.24 -6.21 -9.81
N ALA A 181 -1.07 -6.89 -9.01
CA ALA A 181 -2.40 -6.37 -8.71
C ALA A 181 -2.34 -5.05 -7.95
N LEU A 182 -1.17 -4.70 -7.40
CA LEU A 182 -0.94 -3.41 -6.78
C LEU A 182 0.03 -2.55 -7.60
N SER A 183 0.35 -2.97 -8.83
CA SER A 183 1.34 -2.29 -9.66
C SER A 183 2.65 -2.10 -8.89
N LEU A 184 3.19 -3.22 -8.40
CA LEU A 184 4.45 -3.22 -7.66
C LEU A 184 5.33 -4.41 -8.05
N GLY A 185 5.25 -4.84 -9.30
CA GLY A 185 6.04 -5.97 -9.76
C GLY A 185 7.26 -5.55 -10.56
CA CA B . 1.03 9.59 10.69
CA CA C . 3.86 -20.67 5.85
CA CA D . -1.65 -10.99 9.53
C10 BNQ E . -1.44 1.40 -4.97
C13 BNQ E . -0.47 8.08 -3.26
C15 BNQ E . -2.33 8.43 -4.97
C17 BNQ E . -4.61 7.85 -5.46
C20 BNQ E . -1.95 7.84 -6.17
C21 BNQ E . -0.43 10.09 -4.83
C22 BNQ E . -0.72 11.44 -4.81
C24 BNQ E . 1.13 11.89 -6.26
C26 BNQ E . 0.64 9.64 -5.60
C05 BNQ E . 0.02 4.55 -4.23
C06 BNQ E . 0.54 2.21 -3.86
C07 BNQ E . 0.93 0.90 -3.60
C08 BNQ E . 0.14 -0.15 -4.03
C09 BNQ E . -1.03 0.10 -4.71
C11 BNQ E . -0.65 2.47 -4.55
C12 BNQ E . -0.91 6.65 -3.53
C14 BNQ E . -1.30 9.10 -4.06
C16 BNQ E . -3.68 8.44 -4.64
C18 BNQ E . -4.22 7.26 -6.65
C19 BNQ E . -2.89 7.26 -7.00
C23 BNQ E . 0.06 12.34 -5.51
C25 BNQ E . 1.42 10.55 -6.30
N03 BNQ E . -0.94 3.83 -4.74
N04 BNQ E . -0.02 5.92 -4.28
O02 BNQ E . -1.84 6.14 -2.92
S01 BNQ E . 1.33 3.70 -3.44
H101 BNQ E . -2.24 1.56 -5.44
H132 BNQ E . -0.58 8.26 -2.31
H131 BNQ E . 0.46 8.17 -3.50
H171 BNQ E . -5.51 7.85 -5.22
H201 BNQ E . -1.05 7.84 -6.42
H221 BNQ E . -1.44 11.75 -4.29
H241 BNQ E . 1.65 12.50 -6.73
H261 BNQ E . 0.84 8.74 -5.63
H071 BNQ E . 1.73 0.73 -3.14
H081 BNQ E . 0.40 -1.02 -3.86
H091 BNQ E . -1.56 -0.61 -4.99
H141 BNQ E . -1.81 9.62 -3.41
H161 BNQ E . -3.95 8.83 -3.84
H181 BNQ E . -4.85 6.86 -7.21
H191 BNQ E . -2.62 6.86 -7.80
H231 BNQ E . -0.14 13.25 -5.47
H251 BNQ E . 2.14 10.25 -6.80
H041 BNQ E . 0.61 6.33 -4.69
C5 PG0 F . -5.72 -14.11 -9.09
O2 PG0 F . -5.32 -12.80 -9.39
C4 PG0 F . -4.96 -12.03 -8.27
C3 PG0 F . -6.16 -11.22 -7.80
O1 PG0 F . -6.04 -9.91 -8.27
C2 PG0 F . -7.04 -9.03 -7.81
H51 PG0 F . -5.99 -14.56 -9.91
H52 PG0 F . -4.98 -14.60 -8.69
H53 PG0 F . -6.47 -14.08 -8.47
H41 PG0 F . -4.64 -12.60 -7.56
H42 PG0 F . -4.25 -11.42 -8.54
H31 PG0 F . -6.98 -11.61 -8.13
H32 PG0 F . -6.19 -11.21 -6.83
H21 PG0 F . -6.98 -8.95 -6.84
H22 PG0 F . -6.93 -8.16 -8.22
NA NA G . 0.24 2.33 10.05
#